data_4CDB
#
_entry.id   4CDB
#
_cell.length_a   26.720
_cell.length_b   85.150
_cell.length_c   229.900
_cell.angle_alpha   90.00
_cell.angle_beta   90.00
_cell.angle_gamma   90.00
#
_symmetry.space_group_name_H-M   'P 21 21 21'
#
loop_
_entity.id
_entity.type
_entity.pdbx_description
1 polymer 'LISTERIOLYSIN O'
2 non-polymer 'ACETATE ION'
3 non-polymer 'SODIUM ION'
4 non-polymer TRIS(HYDROXYETHYL)AMINOMETHANE
5 water water
#
_entity_poly.entity_id   1
_entity_poly.type   'polypeptide(L)'
_entity_poly.pdbx_seq_one_letter_code
;MAPPASPPASPKTPIEKKHADEIDKYIQGLDYNKNNVLVYHGDAVTNVPPRKGYKDGNEYIVVEKKKKSINQNNADIQVV
NAISSLTYPGALVKANSELVENQPDVLPVKRDSLTLSIDLPGMTNQDNKIVVKNATKSNVNNAVNTLVERWNEKYAQAYP
NVSAKIDYDDEMAYSESQLIAKFGTAFKAVNNSLNVNFGAISEGKMQEEVISFKQIYYNVNVNEPTRPSRFFGKAVTKEQ
LQALGVNAENPPAYISSVAYGRQVYLKLSTNSHSTKVKAAFDAAVSGKSVSGDVELTNIIKNSSFKAVIYGGSAKDEVQI
IDGNLGDLRDILKKGATFNRETPGVPIAYTTNFLKDNELAVIKNNSEYIETTSKAYTDGKINIDHSGGYVAQFNISWDEV
NYDPEGNEIVQHKNWSENNKSKLAHFTSSIYLPGNARNINVYAKECTGLAWEWWRTVIDDRNLPLVKNRNISIWGTTLYP
KYSNKVDN
;
_entity_poly.pdbx_strand_id   A
#
# COMPACT_ATOMS: atom_id res chain seq x y z
N MET A 1 19.92 -16.04 11.34
CA MET A 1 21.22 -16.17 12.00
C MET A 1 21.41 -15.15 13.11
N ALA A 2 22.26 -15.50 14.07
CA ALA A 2 22.80 -14.55 15.02
C ALA A 2 24.15 -14.13 14.45
N PRO A 3 24.64 -12.94 14.83
CA PRO A 3 25.92 -12.48 14.26
C PRO A 3 27.07 -13.45 14.57
N PRO A 4 27.94 -13.68 13.57
CA PRO A 4 29.10 -14.57 13.72
C PRO A 4 30.16 -13.96 14.66
N ALA A 5 31.16 -14.77 15.01
CA ALA A 5 32.23 -14.28 15.88
C ALA A 5 33.22 -13.41 15.12
N SER A 6 33.81 -12.44 15.82
CA SER A 6 34.79 -11.54 15.21
C SER A 6 36.07 -12.30 14.86
N PRO A 7 36.71 -11.91 13.75
CA PRO A 7 37.99 -12.49 13.34
C PRO A 7 39.08 -12.15 14.33
N PRO A 8 40.22 -12.86 14.31
CA PRO A 8 41.31 -12.52 15.21
C PRO A 8 41.85 -11.11 14.93
N ALA A 9 42.31 -10.43 15.96
CA ALA A 9 42.81 -9.07 15.82
C ALA A 9 44.08 -9.01 14.97
N SER A 10 44.15 -8.02 14.09
CA SER A 10 45.32 -7.82 13.23
C SER A 10 46.48 -7.23 14.03
N PRO A 11 47.72 -7.63 13.70
CA PRO A 11 48.91 -7.13 14.39
C PRO A 11 49.08 -5.63 14.25
N LYS A 12 49.46 -4.96 15.34
CA LYS A 12 49.58 -3.50 15.33
C LYS A 12 50.84 -3.00 16.06
N THR A 13 51.46 -1.96 15.50
CA THR A 13 52.57 -1.28 16.15
C THR A 13 52.03 -0.47 17.33
N PRO A 14 52.92 -0.10 18.28
CA PRO A 14 52.50 0.70 19.43
C PRO A 14 51.64 1.93 19.08
N ILE A 15 52.00 2.67 18.04
CA ILE A 15 51.24 3.87 17.69
C ILE A 15 49.91 3.51 17.00
N GLU A 16 49.88 2.37 16.34
CA GLU A 16 48.65 1.90 15.71
C GLU A 16 47.63 1.51 16.77
N LYS A 17 48.12 0.96 17.87
CA LYS A 17 47.27 0.60 19.00
C LYS A 17 46.75 1.86 19.68
N LYS A 18 47.61 2.86 19.78
CA LYS A 18 47.23 4.16 20.33
C LYS A 18 46.14 4.81 19.48
N HIS A 19 46.30 4.76 18.15
CA HIS A 19 45.30 5.34 17.26
C HIS A 19 43.96 4.62 17.36
N ALA A 20 44.01 3.30 17.49
CA ALA A 20 42.79 2.50 17.62
C ALA A 20 42.06 2.86 18.90
N ASP A 21 42.81 3.04 19.97
CA ASP A 21 42.24 3.44 21.25
C ASP A 21 41.65 4.84 21.19
N GLU A 22 42.31 5.75 20.48
CA GLU A 22 41.80 7.10 20.29
C GLU A 22 40.48 7.07 19.51
N ILE A 23 40.40 6.19 18.51
CA ILE A 23 39.17 6.04 17.74
C ILE A 23 38.04 5.54 18.63
N ASP A 24 38.33 4.53 19.44
CA ASP A 24 37.34 3.98 20.37
C ASP A 24 36.73 5.05 21.26
N LYS A 25 37.59 5.84 21.90
CA LYS A 25 37.14 6.88 22.83
C LYS A 25 36.39 8.01 22.13
N TYR A 26 36.79 8.31 20.89
CA TYR A 26 36.11 9.36 20.13
C TYR A 26 34.68 8.95 19.78
N ILE A 27 34.52 7.72 19.29
CA ILE A 27 33.21 7.23 18.91
C ILE A 27 32.32 7.01 20.14
N GLN A 28 32.90 6.45 21.19
CA GLN A 28 32.18 6.24 22.43
C GLN A 28 31.80 7.56 23.11
N GLY A 29 32.47 8.64 22.73
CA GLY A 29 32.19 9.94 23.29
C GLY A 29 31.10 10.70 22.56
N LEU A 30 30.65 10.13 21.44
CA LEU A 30 29.62 10.77 20.63
C LEU A 30 28.26 10.69 21.31
N ASP A 31 27.73 11.85 21.72
CA ASP A 31 26.43 11.92 22.36
C ASP A 31 25.30 12.22 21.37
N TYR A 32 24.35 11.30 21.27
CA TYR A 32 23.18 11.48 20.44
C TYR A 32 22.06 10.57 20.89
N ASN A 33 20.83 10.94 20.58
CA ASN A 33 19.69 10.08 20.84
C ASN A 33 19.46 9.14 19.66
N LYS A 34 19.75 7.86 19.86
CA LYS A 34 19.66 6.87 18.79
C LYS A 34 18.24 6.74 18.25
N ASN A 35 17.27 7.13 19.08
CA ASN A 35 15.87 7.02 18.71
C ASN A 35 15.40 8.19 17.85
N ASN A 36 16.27 9.18 17.69
CA ASN A 36 15.90 10.42 16.99
C ASN A 36 16.89 10.87 15.91
N VAL A 37 17.86 10.02 15.59
CA VAL A 37 18.86 10.34 14.58
C VAL A 37 18.33 10.21 13.16
N LEU A 38 17.59 9.13 12.90
CA LEU A 38 17.05 8.87 11.56
C LEU A 38 15.55 9.10 11.54
N VAL A 39 15.13 10.21 10.93
CA VAL A 39 13.72 10.58 10.89
C VAL A 39 13.26 11.02 9.51
N TYR A 40 12.01 10.69 9.18
CA TYR A 40 11.36 11.25 8.00
C TYR A 40 10.10 12.03 8.42
N HIS A 41 10.15 13.34 8.26
CA HIS A 41 9.00 14.18 8.57
C HIS A 41 8.18 14.42 7.30
N GLY A 42 7.01 13.80 7.23
CA GLY A 42 6.18 13.88 6.05
C GLY A 42 5.38 15.17 5.95
N ASP A 43 4.34 15.16 5.11
CA ASP A 43 3.50 16.33 4.91
C ASP A 43 2.76 16.71 6.19
N ALA A 44 2.45 18.00 6.31
CA ALA A 44 1.57 18.48 7.36
C ALA A 44 0.26 18.92 6.72
N VAL A 45 -0.85 18.29 7.09
CA VAL A 45 -2.15 18.66 6.55
C VAL A 45 -2.71 19.87 7.30
N THR A 46 -2.75 21.01 6.62
CA THR A 46 -3.21 22.26 7.24
C THR A 46 -4.72 22.30 7.37
N ASN A 47 -5.43 21.76 6.38
CA ASN A 47 -6.89 21.79 6.37
C ASN A 47 -7.48 20.68 5.52
N VAL A 48 -8.74 20.36 5.76
CA VAL A 48 -9.44 19.33 5.00
C VAL A 48 -10.63 19.92 4.25
N PRO A 49 -10.64 19.78 2.92
CA PRO A 49 -11.75 20.29 2.09
C PRO A 49 -13.08 19.67 2.48
N PRO A 50 -14.15 20.47 2.49
CA PRO A 50 -15.47 20.02 2.93
C PRO A 50 -16.05 18.93 2.03
N ARG A 51 -16.96 18.13 2.59
CA ARG A 51 -17.67 17.12 1.81
C ARG A 51 -18.45 17.80 0.69
N LYS A 52 -18.43 17.21 -0.50
CA LYS A 52 -19.20 17.76 -1.61
C LYS A 52 -19.93 16.68 -2.40
N GLY A 53 -21.08 17.06 -2.94
CA GLY A 53 -21.86 16.16 -3.77
C GLY A 53 -22.20 16.81 -5.10
N TYR A 54 -22.12 16.04 -6.17
CA TYR A 54 -22.41 16.56 -7.51
C TYR A 54 -22.95 15.47 -8.43
N LYS A 55 -23.55 15.89 -9.54
CA LYS A 55 -24.14 14.95 -10.49
C LYS A 55 -23.24 14.78 -11.71
N ASP A 56 -23.07 13.54 -12.15
CA ASP A 56 -22.27 13.25 -13.33
C ASP A 56 -22.83 12.05 -14.09
N GLY A 57 -23.53 12.33 -15.18
CA GLY A 57 -24.15 11.28 -15.97
C GLY A 57 -25.39 10.71 -15.32
N ASN A 58 -25.46 9.38 -15.25
CA ASN A 58 -26.58 8.71 -14.62
C ASN A 58 -26.36 8.47 -13.13
N GLU A 59 -25.40 9.20 -12.56
CA GLU A 59 -25.03 9.00 -11.16
C GLU A 59 -24.92 10.30 -10.38
N TYR A 60 -24.94 10.18 -9.05
CA TYR A 60 -24.66 11.29 -8.16
C TYR A 60 -23.47 10.91 -7.29
N ILE A 61 -22.44 11.75 -7.29
CA ILE A 61 -21.19 11.43 -6.60
C ILE A 61 -21.00 12.23 -5.31
N VAL A 62 -20.78 11.53 -4.21
CA VAL A 62 -20.45 12.17 -2.95
C VAL A 62 -18.98 11.95 -2.59
N VAL A 63 -18.23 13.03 -2.40
CA VAL A 63 -16.81 12.91 -2.10
C VAL A 63 -16.50 13.41 -0.68
N GLU A 64 -15.96 12.50 0.14
CA GLU A 64 -15.56 12.84 1.50
C GLU A 64 -14.05 12.80 1.69
N LYS A 65 -13.55 13.67 2.57
CA LYS A 65 -12.12 13.71 2.87
C LYS A 65 -11.89 13.71 4.39
N LYS A 66 -10.88 12.96 4.82
CA LYS A 66 -10.51 12.90 6.23
C LYS A 66 -9.00 13.01 6.42
N LYS A 67 -8.59 13.70 7.46
CA LYS A 67 -7.18 13.83 7.79
C LYS A 67 -6.71 12.57 8.52
N LYS A 68 -5.66 11.94 7.99
CA LYS A 68 -5.10 10.74 8.60
C LYS A 68 -3.61 10.90 8.91
N SER A 69 -3.11 10.06 9.80
CA SER A 69 -1.69 10.06 10.15
C SER A 69 -1.07 8.67 10.01
N ILE A 70 0.08 8.61 9.36
CA ILE A 70 0.85 7.38 9.32
C ILE A 70 2.16 7.58 10.10
N ASN A 71 2.25 6.92 11.25
CA ASN A 71 3.39 7.07 12.15
C ASN A 71 4.03 5.71 12.39
N GLN A 72 5.22 5.50 11.83
CA GLN A 72 5.79 4.17 11.74
C GLN A 72 7.33 4.14 11.87
N ASN A 73 7.83 3.21 12.68
CA ASN A 73 9.26 3.04 12.85
C ASN A 73 9.77 1.79 12.13
N ASN A 74 10.69 2.00 11.19
CA ASN A 74 11.21 0.90 10.38
C ASN A 74 12.69 0.60 10.64
N ALA A 75 12.99 -0.66 10.90
CA ALA A 75 14.37 -1.08 11.11
C ALA A 75 14.98 -1.55 9.79
N ASP A 76 14.12 -2.04 8.89
CA ASP A 76 14.56 -2.49 7.57
C ASP A 76 14.69 -1.33 6.60
N ILE A 77 15.91 -1.08 6.14
CA ILE A 77 16.15 -0.01 5.17
C ILE A 77 15.90 -0.54 3.77
N GLN A 78 15.14 0.22 2.98
CA GLN A 78 14.83 -0.17 1.61
C GLN A 78 16.00 0.11 0.67
N VAL A 79 16.03 -0.59 -0.47
CA VAL A 79 17.10 -0.42 -1.43
C VAL A 79 16.59 0.12 -2.76
N VAL A 80 17.19 1.20 -3.26
CA VAL A 80 16.90 1.68 -4.60
C VAL A 80 17.63 0.78 -5.59
N ASN A 81 16.86 0.05 -6.40
CA ASN A 81 17.41 -1.01 -7.24
C ASN A 81 18.55 -0.59 -8.15
N ALA A 82 18.47 0.61 -8.69
CA ALA A 82 19.50 1.13 -9.58
C ALA A 82 20.87 1.23 -8.92
N ILE A 83 20.88 1.47 -7.61
CA ILE A 83 22.13 1.59 -6.87
C ILE A 83 22.28 0.50 -5.82
N SER A 84 21.69 -0.66 -6.10
CA SER A 84 21.72 -1.79 -5.16
C SER A 84 23.13 -2.31 -4.92
N SER A 85 24.00 -2.15 -5.91
CA SER A 85 25.38 -2.63 -5.83
C SER A 85 26.18 -1.89 -4.76
N LEU A 86 25.70 -0.72 -4.34
CA LEU A 86 26.35 0.05 -3.29
C LEU A 86 26.04 -0.55 -1.92
N THR A 87 25.00 -1.38 -1.87
CA THR A 87 24.58 -2.01 -0.63
C THR A 87 25.24 -3.38 -0.45
N TYR A 88 26.10 -3.49 0.54
CA TYR A 88 26.79 -4.73 0.86
C TYR A 88 27.08 -4.84 2.35
N PRO A 89 27.10 -6.08 2.89
CA PRO A 89 27.30 -6.31 4.32
C PRO A 89 28.65 -5.77 4.81
N GLY A 90 28.63 -5.09 5.95
CA GLY A 90 29.85 -4.59 6.56
C GLY A 90 30.23 -3.18 6.15
N ALA A 91 29.50 -2.62 5.19
CA ALA A 91 29.78 -1.28 4.70
C ALA A 91 29.61 -0.22 5.79
N LEU A 92 30.55 0.73 5.82
CA LEU A 92 30.50 1.81 6.79
C LEU A 92 29.79 3.02 6.22
N VAL A 93 28.78 3.52 6.93
CA VAL A 93 28.01 4.66 6.47
C VAL A 93 27.76 5.68 7.58
N LYS A 94 27.42 6.90 7.19
CA LYS A 94 26.96 7.91 8.14
C LYS A 94 25.47 7.73 8.38
N ALA A 95 25.06 7.81 9.65
CA ALA A 95 23.65 7.73 9.98
C ALA A 95 23.03 9.13 9.97
N ASN A 96 22.60 9.56 8.78
CA ASN A 96 21.96 10.86 8.64
C ASN A 96 20.77 10.82 7.68
N SER A 97 20.36 12.00 7.19
CA SER A 97 19.22 12.10 6.31
C SER A 97 19.41 11.37 4.98
N GLU A 98 20.67 11.22 4.56
CA GLU A 98 20.97 10.53 3.31
C GLU A 98 20.70 9.04 3.40
N LEU A 99 20.82 8.49 4.61
CA LEU A 99 20.46 7.10 4.85
C LEU A 99 18.94 6.95 4.78
N VAL A 100 18.23 7.96 5.26
CA VAL A 100 16.77 7.98 5.21
C VAL A 100 16.32 8.11 3.75
N GLU A 101 17.08 8.87 2.97
CA GLU A 101 16.79 9.04 1.54
C GLU A 101 17.17 7.81 0.72
N ASN A 102 17.59 6.74 1.40
CA ASN A 102 18.00 5.50 0.74
C ASN A 102 19.14 5.70 -0.25
N GLN A 103 20.04 6.63 0.06
CA GLN A 103 21.28 6.79 -0.68
C GLN A 103 22.38 7.25 0.28
N PRO A 104 22.74 6.38 1.24
CA PRO A 104 23.62 6.77 2.35
C PRO A 104 25.03 7.14 1.90
N ASP A 105 25.65 8.06 2.64
CA ASP A 105 27.04 8.41 2.42
C ASP A 105 27.92 7.30 3.01
N VAL A 106 28.80 6.74 2.18
CA VAL A 106 29.71 5.68 2.63
C VAL A 106 31.06 6.27 3.04
N LEU A 107 31.54 5.89 4.21
CA LEU A 107 32.85 6.34 4.69
C LEU A 107 33.96 5.72 3.85
N PRO A 108 34.71 6.57 3.11
CA PRO A 108 35.78 6.09 2.24
C PRO A 108 37.09 5.84 2.98
N VAL A 109 37.04 5.02 4.04
CA VAL A 109 38.24 4.67 4.79
C VAL A 109 38.68 3.24 4.52
N LYS A 110 39.95 2.96 4.76
CA LYS A 110 40.46 1.60 4.65
C LYS A 110 39.88 0.73 5.75
N ARG A 111 39.78 -0.57 5.47
CA ARG A 111 39.06 -1.48 6.35
C ARG A 111 39.96 -2.56 6.92
N ASP A 112 39.58 -3.09 8.08
CA ASP A 112 40.24 -4.26 8.64
C ASP A 112 39.46 -5.50 8.21
N SER A 113 39.43 -6.52 9.07
CA SER A 113 38.74 -7.76 8.74
C SER A 113 37.36 -7.86 9.37
N LEU A 114 36.50 -8.69 8.77
CA LEU A 114 35.20 -9.01 9.34
C LEU A 114 34.79 -10.44 8.99
N THR A 115 33.81 -10.98 9.72
CA THR A 115 33.29 -12.31 9.42
C THR A 115 31.88 -12.20 8.87
N LEU A 116 31.67 -12.78 7.70
CA LEU A 116 30.35 -12.85 7.09
C LEU A 116 29.70 -14.19 7.39
N SER A 117 28.39 -14.19 7.58
CA SER A 117 27.63 -15.41 7.83
C SER A 117 26.34 -15.42 7.03
N ILE A 118 25.96 -16.59 6.52
CA ILE A 118 24.76 -16.73 5.69
C ILE A 118 23.76 -17.67 6.37
N ASP A 119 22.46 -17.43 6.14
CA ASP A 119 21.43 -18.20 6.83
C ASP A 119 20.77 -19.28 5.99
N LEU A 120 21.43 -19.71 4.93
CA LEU A 120 20.90 -20.79 4.08
C LEU A 120 20.82 -22.08 4.87
N PRO A 121 19.74 -22.87 4.64
CA PRO A 121 19.42 -24.02 5.48
C PRO A 121 20.42 -25.18 5.37
N GLY A 122 20.67 -25.83 6.51
CA GLY A 122 21.46 -27.06 6.52
C GLY A 122 22.93 -26.91 6.85
N MET A 123 23.46 -25.71 6.69
CA MET A 123 24.90 -25.47 6.87
C MET A 123 25.32 -25.55 8.34
N THR A 124 26.55 -26.02 8.57
CA THR A 124 27.09 -26.12 9.93
C THR A 124 27.55 -24.74 10.40
N ASN A 125 27.81 -24.62 11.69
CA ASN A 125 28.28 -23.36 12.26
C ASN A 125 29.71 -23.02 11.84
N GLN A 126 30.31 -23.90 11.04
CA GLN A 126 31.62 -23.65 10.47
C GLN A 126 31.52 -23.37 8.97
N ASP A 127 30.50 -23.96 8.34
CA ASP A 127 30.29 -23.84 6.90
C ASP A 127 29.66 -22.51 6.48
N ASN A 128 28.82 -21.93 7.34
CA ASN A 128 28.09 -20.72 6.98
C ASN A 128 28.86 -19.42 7.19
N LYS A 129 30.13 -19.52 7.58
CA LYS A 129 30.93 -18.35 7.88
C LYS A 129 32.17 -18.25 6.99
N ILE A 130 32.67 -17.03 6.81
CA ILE A 130 33.91 -16.80 6.07
C ILE A 130 34.55 -15.48 6.48
N VAL A 131 35.87 -15.48 6.64
CA VAL A 131 36.61 -14.28 7.02
C VAL A 131 37.00 -13.47 5.79
N VAL A 132 36.71 -12.17 5.82
CA VAL A 132 37.14 -11.26 4.77
C VAL A 132 38.24 -10.37 5.35
N LYS A 133 39.45 -10.50 4.80
CA LYS A 133 40.61 -9.79 5.33
C LYS A 133 40.53 -8.27 5.14
N ASN A 134 40.27 -7.84 3.91
CA ASN A 134 40.07 -6.43 3.62
C ASN A 134 38.65 -6.18 3.10
N ALA A 135 37.79 -5.67 3.97
CA ALA A 135 36.37 -5.56 3.69
C ALA A 135 36.00 -4.45 2.71
N THR A 136 36.50 -4.54 1.49
CA THR A 136 36.06 -3.63 0.43
C THR A 136 34.77 -4.17 -0.19
N LYS A 137 34.15 -3.37 -1.06
CA LYS A 137 32.94 -3.82 -1.74
C LYS A 137 33.20 -5.06 -2.59
N SER A 138 34.29 -5.05 -3.33
CA SER A 138 34.65 -6.16 -4.21
C SER A 138 34.92 -7.44 -3.42
N ASN A 139 35.66 -7.32 -2.33
CA ASN A 139 36.02 -8.47 -1.51
C ASN A 139 34.82 -9.07 -0.77
N VAL A 140 33.93 -8.21 -0.27
CA VAL A 140 32.75 -8.67 0.43
C VAL A 140 31.80 -9.41 -0.53
N ASN A 141 31.56 -8.82 -1.70
CA ASN A 141 30.69 -9.42 -2.69
C ASN A 141 31.21 -10.75 -3.23
N ASN A 142 32.53 -10.88 -3.36
CA ASN A 142 33.11 -12.15 -3.75
C ASN A 142 32.95 -13.19 -2.64
N ALA A 143 33.01 -12.72 -1.40
CA ALA A 143 32.81 -13.59 -0.25
C ALA A 143 31.37 -14.09 -0.16
N VAL A 144 30.43 -13.22 -0.53
CA VAL A 144 29.02 -13.58 -0.56
C VAL A 144 28.78 -14.70 -1.58
N ASN A 145 29.33 -14.50 -2.78
CA ASN A 145 29.23 -15.50 -3.83
C ASN A 145 29.88 -16.83 -3.45
N THR A 146 30.92 -16.75 -2.63
CA THR A 146 31.61 -17.95 -2.15
C THR A 146 30.71 -18.77 -1.22
N LEU A 147 30.01 -18.08 -0.34
CA LEU A 147 29.09 -18.73 0.60
C LEU A 147 27.90 -19.37 -0.14
N VAL A 148 27.36 -18.66 -1.12
CA VAL A 148 26.24 -19.16 -1.91
C VAL A 148 26.62 -20.41 -2.70
N GLU A 149 27.80 -20.40 -3.30
CA GLU A 149 28.30 -21.56 -4.04
C GLU A 149 28.56 -22.74 -3.13
N ARG A 150 29.04 -22.47 -1.93
CA ARG A 150 29.30 -23.51 -0.94
C ARG A 150 28.02 -24.24 -0.55
N TRP A 151 26.92 -23.50 -0.46
CA TRP A 151 25.64 -24.08 -0.13
C TRP A 151 25.09 -24.90 -1.30
N ASN A 152 25.27 -24.38 -2.51
CA ASN A 152 24.81 -25.06 -3.72
C ASN A 152 25.53 -26.38 -3.97
N GLU A 153 26.70 -26.54 -3.38
CA GLU A 153 27.55 -27.70 -3.64
C GLU A 153 27.62 -28.70 -2.50
N LYS A 154 26.87 -28.45 -1.42
CA LYS A 154 26.87 -29.35 -0.28
C LYS A 154 25.46 -29.64 0.26
N TYR A 155 24.60 -28.63 0.24
CA TYR A 155 23.31 -28.73 0.89
C TYR A 155 22.12 -28.59 -0.06
N ALA A 156 22.39 -28.07 -1.26
CA ALA A 156 21.32 -27.81 -2.23
C ALA A 156 20.49 -29.04 -2.55
N GLN A 157 21.17 -30.17 -2.73
CA GLN A 157 20.47 -31.42 -3.04
C GLN A 157 19.62 -31.92 -1.87
N ALA A 158 20.04 -31.59 -0.66
CA ALA A 158 19.31 -32.01 0.54
C ALA A 158 18.12 -31.11 0.82
N TYR A 159 18.03 -29.99 0.10
CA TYR A 159 16.94 -29.05 0.26
C TYR A 159 16.48 -28.52 -1.10
N PRO A 160 15.63 -29.29 -1.80
CA PRO A 160 15.15 -28.89 -3.13
C PRO A 160 14.27 -27.65 -3.10
N ASN A 161 13.22 -27.66 -2.29
CA ASN A 161 12.26 -26.57 -2.28
C ASN A 161 12.14 -25.84 -0.94
N VAL A 162 13.15 -25.05 -0.62
CA VAL A 162 13.08 -24.17 0.55
C VAL A 162 12.42 -22.86 0.17
N SER A 163 11.20 -22.65 0.67
CA SER A 163 10.43 -21.46 0.34
C SER A 163 11.14 -20.19 0.81
N ALA A 164 11.03 -19.14 0.01
CA ALA A 164 11.62 -17.86 0.35
C ALA A 164 10.89 -17.24 1.53
N LYS A 165 11.60 -16.41 2.28
CA LYS A 165 10.98 -15.64 3.35
C LYS A 165 10.17 -14.50 2.74
N ILE A 166 8.88 -14.42 3.08
CA ILE A 166 8.01 -13.40 2.51
C ILE A 166 7.92 -12.14 3.38
N ASP A 167 8.29 -11.00 2.80
CA ASP A 167 8.08 -9.71 3.44
C ASP A 167 7.05 -8.93 2.61
N TYR A 168 5.87 -8.70 3.19
CA TYR A 168 4.74 -8.16 2.45
C TYR A 168 4.20 -6.86 3.06
N ASP A 169 3.91 -5.89 2.19
CA ASP A 169 3.38 -4.59 2.62
C ASP A 169 2.39 -4.05 1.59
N ASP A 170 1.24 -3.58 2.06
CA ASP A 170 0.22 -3.00 1.18
C ASP A 170 -0.43 -1.76 1.78
N GLU A 171 -0.87 -0.85 0.92
CA GLU A 171 -1.51 0.40 1.34
C GLU A 171 -2.36 0.99 0.24
N MET A 172 -3.55 1.46 0.60
CA MET A 172 -4.36 2.24 -0.33
C MET A 172 -3.67 3.59 -0.49
N ALA A 173 -3.33 3.95 -1.71
CA ALA A 173 -2.56 5.14 -1.99
C ALA A 173 -3.38 6.44 -1.89
N TYR A 174 -2.76 7.47 -1.31
CA TYR A 174 -3.41 8.78 -1.19
C TYR A 174 -2.45 9.94 -1.42
N SER A 175 -1.20 9.78 -0.97
CA SER A 175 -0.17 10.81 -1.22
C SER A 175 1.22 10.20 -1.26
N GLU A 176 2.13 10.89 -1.95
CA GLU A 176 3.52 10.44 -2.05
C GLU A 176 4.16 10.33 -0.68
N SER A 177 3.94 11.35 0.15
CA SER A 177 4.53 11.39 1.49
C SER A 177 4.03 10.27 2.37
N GLN A 178 2.77 9.88 2.18
CA GLN A 178 2.18 8.77 2.92
C GLN A 178 2.89 7.47 2.59
N LEU A 179 3.09 7.24 1.29
CA LEU A 179 3.71 6.00 0.83
C LEU A 179 5.21 5.97 1.10
N ILE A 180 5.83 7.14 1.17
CA ILE A 180 7.24 7.23 1.56
C ILE A 180 7.43 6.80 3.01
N ALA A 181 6.48 7.17 3.86
CA ALA A 181 6.53 6.77 5.27
C ALA A 181 6.36 5.27 5.42
N LYS A 182 5.73 4.64 4.44
CA LYS A 182 5.44 3.22 4.49
C LYS A 182 6.48 2.38 3.76
N PHE A 183 6.86 2.82 2.56
CA PHE A 183 7.76 2.04 1.71
C PHE A 183 9.15 2.64 1.60
N GLY A 184 9.44 3.66 2.40
CA GLY A 184 10.73 4.32 2.37
C GLY A 184 10.85 5.28 1.20
N THR A 185 11.91 6.08 1.19
CA THR A 185 12.15 7.05 0.13
C THR A 185 12.34 6.36 -1.21
N ALA A 186 12.73 5.09 -1.17
CA ALA A 186 12.91 4.30 -2.37
C ALA A 186 11.65 4.19 -3.22
N PHE A 187 10.50 4.50 -2.62
CA PHE A 187 9.24 4.49 -3.36
C PHE A 187 9.25 5.46 -4.55
N LYS A 188 9.94 6.59 -4.40
CA LYS A 188 10.00 7.60 -5.46
C LYS A 188 10.61 7.04 -6.73
N ALA A 189 11.65 6.23 -6.58
CA ALA A 189 12.27 5.57 -7.73
C ALA A 189 11.30 4.59 -8.38
N VAL A 190 10.62 3.82 -7.55
CA VAL A 190 9.63 2.85 -8.04
C VAL A 190 8.47 3.57 -8.70
N ASN A 191 8.07 4.71 -8.14
CA ASN A 191 6.92 5.46 -8.65
C ASN A 191 7.18 6.08 -10.02
N ASN A 192 8.44 6.11 -10.45
CA ASN A 192 8.77 6.57 -11.79
C ASN A 192 8.31 5.58 -12.86
N SER A 193 7.98 4.37 -12.42
CA SER A 193 7.43 3.36 -13.32
C SER A 193 5.95 3.15 -13.05
N LEU A 194 5.58 3.04 -11.77
CA LEU A 194 4.20 2.80 -11.39
C LEU A 194 3.29 3.99 -11.71
N ASN A 195 3.77 5.20 -11.41
CA ASN A 195 3.01 6.42 -11.64
C ASN A 195 1.64 6.43 -10.98
N VAL A 196 1.63 6.43 -9.65
CA VAL A 196 0.38 6.48 -8.89
C VAL A 196 -0.35 7.79 -9.14
N ASN A 197 -1.61 7.69 -9.55
CA ASN A 197 -2.40 8.87 -9.90
C ASN A 197 -3.04 9.51 -8.67
N PHE A 198 -2.26 10.28 -7.93
CA PHE A 198 -2.74 10.91 -6.71
C PHE A 198 -3.82 11.96 -6.97
N GLY A 199 -3.77 12.58 -8.14
CA GLY A 199 -4.75 13.58 -8.52
C GLY A 199 -6.15 13.00 -8.68
N ALA A 200 -6.23 11.90 -9.42
CA ALA A 200 -7.51 11.26 -9.70
C ALA A 200 -8.13 10.66 -8.43
N ILE A 201 -7.28 10.13 -7.56
CA ILE A 201 -7.72 9.59 -6.28
C ILE A 201 -8.27 10.71 -5.40
N SER A 202 -7.64 11.88 -5.46
CA SER A 202 -8.06 13.03 -4.68
C SER A 202 -9.39 13.59 -5.16
N GLU A 203 -9.73 13.31 -6.41
CA GLU A 203 -10.99 13.77 -6.98
C GLU A 203 -12.08 12.71 -6.82
N GLY A 204 -11.71 11.55 -6.31
CA GLY A 204 -12.64 10.46 -6.11
C GLY A 204 -12.96 9.72 -7.40
N LYS A 205 -12.13 9.93 -8.41
CA LYS A 205 -12.33 9.31 -9.72
C LYS A 205 -11.89 7.86 -9.74
N MET A 206 -10.87 7.53 -8.96
CA MET A 206 -10.34 6.17 -8.93
C MET A 206 -9.78 5.77 -7.55
N GLN A 207 -9.56 4.48 -7.36
CA GLN A 207 -8.95 3.96 -6.14
C GLN A 207 -7.73 3.12 -6.49
N GLU A 208 -6.61 3.38 -5.82
CA GLU A 208 -5.38 2.65 -6.11
C GLU A 208 -4.72 2.09 -4.85
N GLU A 209 -4.11 0.91 -4.99
CA GLU A 209 -3.36 0.30 -3.90
C GLU A 209 -1.93 0.01 -4.34
N VAL A 210 -0.98 0.24 -3.44
CA VAL A 210 0.42 -0.05 -3.71
C VAL A 210 0.88 -1.23 -2.85
N ILE A 211 1.51 -2.21 -3.49
CA ILE A 211 1.94 -3.42 -2.81
C ILE A 211 3.44 -3.65 -2.97
N SER A 212 4.11 -3.98 -1.87
CA SER A 212 5.51 -4.38 -1.90
C SER A 212 5.62 -5.86 -1.53
N PHE A 213 6.10 -6.67 -2.47
CA PHE A 213 6.18 -8.11 -2.26
C PHE A 213 7.62 -8.60 -2.33
N LYS A 214 8.21 -8.90 -1.17
CA LYS A 214 9.58 -9.35 -1.11
C LYS A 214 9.68 -10.87 -0.93
N GLN A 215 10.50 -11.50 -1.77
CA GLN A 215 10.86 -12.90 -1.60
C GLN A 215 12.33 -13.00 -1.27
N ILE A 216 12.63 -13.19 0.01
CA ILE A 216 14.02 -13.21 0.48
C ILE A 216 14.57 -14.64 0.49
N TYR A 217 15.62 -14.87 -0.29
CA TYR A 217 16.22 -16.19 -0.41
C TYR A 217 17.21 -16.47 0.72
N TYR A 218 17.94 -15.42 1.11
CA TYR A 218 18.92 -15.55 2.20
C TYR A 218 19.34 -14.19 2.74
N ASN A 219 19.86 -14.20 3.97
CA ASN A 219 20.44 -13.01 4.58
C ASN A 219 21.90 -13.25 4.90
N VAL A 220 22.73 -12.24 4.62
CA VAL A 220 24.13 -12.27 5.01
C VAL A 220 24.38 -11.21 6.06
N ASN A 221 24.85 -11.63 7.23
CA ASN A 221 25.12 -10.71 8.34
C ASN A 221 26.61 -10.64 8.71
N VAL A 222 26.97 -9.63 9.49
CA VAL A 222 28.35 -9.37 9.86
C VAL A 222 28.53 -9.49 11.37
N ASN A 223 29.71 -9.92 11.80
CA ASN A 223 30.04 -9.96 13.23
C ASN A 223 29.90 -8.58 13.87
N GLU A 224 29.52 -8.55 15.15
CA GLU A 224 29.44 -7.29 15.87
C GLU A 224 30.71 -7.09 16.69
N PRO A 225 31.56 -6.12 16.27
CA PRO A 225 32.85 -5.88 16.90
C PRO A 225 32.70 -5.37 18.33
N THR A 226 33.58 -5.84 19.22
CA THR A 226 33.56 -5.41 20.61
C THR A 226 34.16 -4.01 20.77
N ARG A 227 34.90 -3.58 19.76
CA ARG A 227 35.50 -2.24 19.74
C ARG A 227 35.11 -1.54 18.46
N PRO A 228 34.74 -0.25 18.56
CA PRO A 228 34.38 0.56 17.40
C PRO A 228 35.50 0.64 16.37
N SER A 229 36.75 0.58 16.84
CA SER A 229 37.91 0.72 15.96
C SER A 229 38.20 -0.54 15.14
N ARG A 230 37.56 -1.65 15.47
CA ARG A 230 37.84 -2.93 14.80
C ARG A 230 37.58 -2.92 13.30
N PHE A 231 36.62 -2.10 12.86
CA PHE A 231 36.25 -2.07 11.44
C PHE A 231 37.20 -1.23 10.59
N PHE A 232 37.99 -0.38 11.25
CA PHE A 232 38.87 0.52 10.53
C PHE A 232 40.26 -0.08 10.31
N GLY A 233 40.88 0.29 9.19
CA GLY A 233 42.24 -0.12 8.92
C GLY A 233 43.21 0.47 9.93
N LYS A 234 44.37 -0.15 10.08
CA LYS A 234 45.33 0.24 11.10
C LYS A 234 45.93 1.63 10.86
N ALA A 235 45.74 2.18 9.67
CA ALA A 235 46.28 3.49 9.35
C ALA A 235 45.28 4.62 9.58
N VAL A 236 44.04 4.25 9.92
CA VAL A 236 43.00 5.25 10.15
C VAL A 236 43.18 5.90 11.53
N THR A 237 42.98 7.21 11.58
CA THR A 237 43.08 7.95 12.85
C THR A 237 41.78 8.70 13.14
N LYS A 238 41.67 9.17 14.38
CA LYS A 238 40.53 9.97 14.81
C LYS A 238 40.43 11.25 13.99
N GLU A 239 41.59 11.83 13.67
CA GLU A 239 41.65 13.07 12.91
C GLU A 239 41.05 12.88 11.51
N GLN A 240 41.34 11.75 10.88
CA GLN A 240 40.80 11.45 9.57
C GLN A 240 39.28 11.33 9.60
N LEU A 241 38.77 10.64 10.63
CA LEU A 241 37.33 10.46 10.78
C LEU A 241 36.61 11.79 11.00
N GLN A 242 37.23 12.68 11.78
CA GLN A 242 36.66 14.00 12.03
C GLN A 242 36.58 14.81 10.74
N ALA A 243 37.64 14.76 9.95
CA ALA A 243 37.70 15.50 8.69
C ALA A 243 36.65 15.03 7.69
N LEU A 244 36.29 13.75 7.79
CA LEU A 244 35.30 13.17 6.88
C LEU A 244 33.87 13.48 7.30
N GLY A 245 33.71 14.07 8.48
CA GLY A 245 32.39 14.47 8.94
C GLY A 245 31.74 13.49 9.89
N VAL A 246 32.53 12.57 10.44
CA VAL A 246 32.02 11.61 11.41
C VAL A 246 31.96 12.26 12.79
N ASN A 247 30.74 12.54 13.25
CA ASN A 247 30.55 13.25 14.51
C ASN A 247 29.20 12.96 15.16
N ALA A 248 28.85 13.74 16.18
CA ALA A 248 27.61 13.52 16.92
C ALA A 248 26.38 13.76 16.04
N GLU A 249 26.53 14.63 15.06
CA GLU A 249 25.43 14.96 14.15
C GLU A 249 25.35 13.94 13.03
N ASN A 250 26.47 13.32 12.71
CA ASN A 250 26.52 12.27 11.69
C ASN A 250 27.21 11.02 12.22
N PRO A 251 26.54 10.29 13.12
CA PRO A 251 27.14 9.14 13.80
C PRO A 251 27.50 8.02 12.83
N PRO A 252 28.63 7.35 13.05
CA PRO A 252 29.05 6.25 12.18
C PRO A 252 28.19 5.00 12.41
N ALA A 253 27.85 4.31 11.34
CA ALA A 253 27.08 3.08 11.43
C ALA A 253 27.57 2.09 10.39
N TYR A 254 27.21 0.82 10.55
CA TYR A 254 27.57 -0.20 9.57
C TYR A 254 26.37 -1.04 9.17
N ILE A 255 26.39 -1.56 7.94
CA ILE A 255 25.35 -2.46 7.48
C ILE A 255 25.56 -3.84 8.12
N SER A 256 24.70 -4.17 9.08
CA SER A 256 24.85 -5.39 9.87
C SER A 256 24.29 -6.63 9.16
N SER A 257 23.35 -6.43 8.24
CA SER A 257 22.73 -7.55 7.54
C SER A 257 22.07 -7.09 6.24
N VAL A 258 22.18 -7.90 5.20
CA VAL A 258 21.57 -7.60 3.91
C VAL A 258 20.69 -8.75 3.45
N ALA A 259 19.45 -8.43 3.08
CA ALA A 259 18.52 -9.42 2.55
C ALA A 259 18.62 -9.48 1.02
N TYR A 260 18.85 -10.68 0.49
CA TYR A 260 18.96 -10.89 -0.95
C TYR A 260 17.76 -11.65 -1.47
N GLY A 261 17.31 -11.30 -2.67
CA GLY A 261 16.20 -12.00 -3.27
C GLY A 261 15.49 -11.25 -4.40
N ARG A 262 14.18 -11.44 -4.45
CA ARG A 262 13.37 -10.92 -5.54
C ARG A 262 12.26 -10.03 -4.97
N GLN A 263 12.04 -8.88 -5.58
CA GLN A 263 11.00 -7.97 -5.10
C GLN A 263 10.04 -7.55 -6.20
N VAL A 264 8.76 -7.60 -5.89
CA VAL A 264 7.71 -7.19 -6.82
C VAL A 264 6.93 -6.03 -6.24
N TYR A 265 6.92 -4.89 -6.95
CA TYR A 265 6.09 -3.77 -6.57
C TYR A 265 4.83 -3.77 -7.42
N LEU A 266 3.68 -3.54 -6.79
CA LEU A 266 2.40 -3.61 -7.50
C LEU A 266 1.60 -2.32 -7.38
N LYS A 267 0.94 -1.95 -8.47
CA LYS A 267 0.02 -0.82 -8.46
C LYS A 267 -1.35 -1.29 -8.94
N LEU A 268 -2.23 -1.60 -7.99
CA LEU A 268 -3.59 -2.01 -8.31
C LEU A 268 -4.48 -0.78 -8.43
N SER A 269 -5.32 -0.74 -9.46
CA SER A 269 -6.15 0.45 -9.71
C SER A 269 -7.51 0.09 -10.31
N THR A 270 -8.51 0.92 -10.00
CA THR A 270 -9.85 0.74 -10.54
C THR A 270 -10.64 2.04 -10.50
N ASN A 271 -11.66 2.13 -11.35
CA ASN A 271 -12.52 3.32 -11.39
C ASN A 271 -13.73 3.15 -10.48
N SER A 272 -13.84 1.99 -9.85
CA SER A 272 -14.95 1.69 -8.96
C SER A 272 -14.99 2.60 -7.74
N HIS A 273 -16.20 2.97 -7.33
CA HIS A 273 -16.38 3.81 -6.15
C HIS A 273 -16.77 2.97 -4.95
N SER A 274 -16.75 1.65 -5.12
CA SER A 274 -17.18 0.73 -4.07
C SER A 274 -16.29 0.79 -2.83
N THR A 275 -16.86 0.41 -1.68
CA THR A 275 -16.14 0.40 -0.42
C THR A 275 -15.51 -0.96 -0.16
N LYS A 276 -15.61 -1.85 -1.14
CA LYS A 276 -15.10 -3.22 -1.01
C LYS A 276 -13.84 -3.45 -1.84
N VAL A 277 -13.30 -2.39 -2.41
CA VAL A 277 -12.15 -2.49 -3.31
C VAL A 277 -10.94 -3.15 -2.65
N LYS A 278 -10.66 -2.80 -1.39
CA LYS A 278 -9.57 -3.39 -0.64
C LYS A 278 -9.74 -4.91 -0.53
N ALA A 279 -10.91 -5.34 -0.08
CA ALA A 279 -11.21 -6.76 0.05
C ALA A 279 -11.13 -7.47 -1.29
N ALA A 280 -11.58 -6.79 -2.34
CA ALA A 280 -11.50 -7.33 -3.69
C ALA A 280 -10.04 -7.49 -4.11
N PHE A 281 -9.24 -6.46 -3.83
CA PHE A 281 -7.81 -6.49 -4.13
C PHE A 281 -7.13 -7.62 -3.35
N ASP A 282 -7.50 -7.78 -2.08
CA ASP A 282 -6.92 -8.80 -1.22
C ASP A 282 -7.15 -10.21 -1.77
N ALA A 283 -8.33 -10.43 -2.35
CA ALA A 283 -8.70 -11.74 -2.88
C ALA A 283 -7.96 -12.06 -4.18
N ALA A 284 -7.80 -11.06 -5.04
CA ALA A 284 -7.13 -11.25 -6.32
C ALA A 284 -5.63 -11.52 -6.14
N VAL A 285 -5.11 -11.23 -4.95
CA VAL A 285 -3.71 -11.42 -4.65
C VAL A 285 -3.44 -12.76 -3.98
N SER A 286 -4.32 -13.14 -3.06
CA SER A 286 -4.10 -14.31 -2.20
C SER A 286 -4.47 -15.65 -2.82
N GLY A 287 -5.19 -15.63 -3.94
CA GLY A 287 -5.67 -16.86 -4.55
C GLY A 287 -6.98 -17.30 -3.92
N LYS A 288 -7.48 -16.46 -3.02
CA LYS A 288 -8.77 -16.68 -2.38
C LYS A 288 -9.84 -16.11 -3.31
N SER A 289 -9.40 -15.65 -4.48
CA SER A 289 -10.25 -15.06 -5.51
C SER A 289 -11.56 -15.83 -5.73
N VAL A 290 -12.53 -15.57 -4.86
CA VAL A 290 -13.82 -16.25 -4.92
C VAL A 290 -14.79 -15.56 -5.85
N SER A 291 -15.10 -16.22 -6.97
CA SER A 291 -16.06 -15.71 -7.93
C SER A 291 -17.49 -16.07 -7.52
N GLY A 292 -17.66 -16.44 -6.25
CA GLY A 292 -18.97 -16.77 -5.72
C GLY A 292 -19.79 -15.53 -5.43
N ASP A 293 -19.11 -14.45 -5.06
CA ASP A 293 -19.78 -13.16 -4.83
C ASP A 293 -19.47 -12.19 -5.96
N VAL A 294 -20.50 -11.58 -6.51
CA VAL A 294 -20.39 -10.84 -7.77
C VAL A 294 -20.02 -9.36 -7.59
N GLU A 295 -19.97 -8.88 -6.35
CA GLU A 295 -19.53 -7.52 -6.09
C GLU A 295 -18.01 -7.42 -6.16
N LEU A 296 -17.33 -8.35 -5.50
CA LEU A 296 -15.89 -8.43 -5.54
C LEU A 296 -15.44 -8.89 -6.93
N THR A 297 -16.21 -9.79 -7.52
CA THR A 297 -15.91 -10.32 -8.84
C THR A 297 -16.00 -9.23 -9.90
N ASN A 298 -16.93 -8.29 -9.70
CA ASN A 298 -17.12 -7.19 -10.65
C ASN A 298 -15.99 -6.16 -10.56
N ILE A 299 -15.58 -5.84 -9.33
CA ILE A 299 -14.47 -4.92 -9.12
C ILE A 299 -13.20 -5.44 -9.78
N ILE A 300 -12.91 -6.72 -9.55
CA ILE A 300 -11.73 -7.38 -10.11
C ILE A 300 -11.76 -7.37 -11.64
N LYS A 301 -12.92 -7.64 -12.22
CA LYS A 301 -13.10 -7.62 -13.67
C LYS A 301 -12.76 -6.25 -14.26
N ASN A 302 -13.06 -5.19 -13.50
CA ASN A 302 -12.82 -3.83 -13.96
C ASN A 302 -11.63 -3.18 -13.27
N SER A 303 -10.69 -3.99 -12.81
CA SER A 303 -9.47 -3.49 -12.18
C SER A 303 -8.24 -3.95 -12.95
N SER A 304 -7.21 -3.11 -12.98
CA SER A 304 -5.96 -3.44 -13.66
C SER A 304 -4.78 -3.48 -12.68
N PHE A 305 -3.64 -3.95 -13.14
CA PHE A 305 -2.44 -3.96 -12.31
C PHE A 305 -1.20 -3.58 -13.11
N LYS A 306 -0.24 -2.97 -12.43
CA LYS A 306 1.07 -2.70 -13.01
C LYS A 306 2.16 -3.22 -12.07
N ALA A 307 3.11 -3.97 -12.62
CA ALA A 307 4.11 -4.64 -11.80
C ALA A 307 5.53 -4.26 -12.18
N VAL A 308 6.33 -3.91 -11.18
CA VAL A 308 7.75 -3.69 -11.36
C VAL A 308 8.51 -4.76 -10.58
N ILE A 309 9.35 -5.52 -11.29
CA ILE A 309 10.01 -6.68 -10.70
C ILE A 309 11.53 -6.54 -10.70
N TYR A 310 12.13 -6.68 -9.50
CA TYR A 310 13.59 -6.66 -9.37
C TYR A 310 14.11 -8.01 -8.88
N GLY A 311 15.26 -8.43 -9.40
CA GLY A 311 15.90 -9.66 -8.98
C GLY A 311 15.12 -10.91 -9.33
N GLY A 312 14.28 -10.82 -10.35
CA GLY A 312 13.48 -11.94 -10.80
C GLY A 312 14.11 -12.69 -11.95
N SER A 313 15.24 -12.18 -12.43
CA SER A 313 15.94 -12.79 -13.56
C SER A 313 17.39 -13.10 -13.22
N ALA A 314 18.09 -13.71 -14.17
CA ALA A 314 19.48 -14.14 -13.96
C ALA A 314 20.41 -12.98 -13.60
N LYS A 315 20.39 -11.93 -14.39
CA LYS A 315 21.22 -10.77 -14.15
C LYS A 315 20.48 -9.70 -13.34
N ASP A 316 20.67 -8.44 -13.73
CA ASP A 316 20.01 -7.34 -13.06
C ASP A 316 18.89 -6.78 -13.93
N GLU A 317 18.14 -7.70 -14.55
CA GLU A 317 17.06 -7.34 -15.45
C GLU A 317 15.85 -6.82 -14.68
N VAL A 318 15.25 -5.75 -15.19
CA VAL A 318 14.05 -5.18 -14.59
C VAL A 318 12.83 -5.46 -15.46
N GLN A 319 11.84 -6.14 -14.90
CA GLN A 319 10.63 -6.45 -15.66
C GLN A 319 9.46 -5.54 -15.27
N ILE A 320 8.77 -5.04 -16.29
CA ILE A 320 7.57 -4.24 -16.08
C ILE A 320 6.38 -4.87 -16.81
N ILE A 321 5.30 -5.13 -16.07
CA ILE A 321 4.14 -5.81 -16.62
C ILE A 321 2.84 -5.06 -16.34
N ASP A 322 2.04 -4.87 -17.39
CA ASP A 322 0.70 -4.32 -17.25
C ASP A 322 -0.32 -5.42 -17.55
N GLY A 323 -1.54 -5.26 -17.04
CA GLY A 323 -2.57 -6.25 -17.29
C GLY A 323 -3.81 -6.08 -16.42
N ASN A 324 -4.69 -7.08 -16.47
CA ASN A 324 -5.92 -7.08 -15.69
C ASN A 324 -5.77 -7.86 -14.39
N LEU A 325 -6.49 -7.44 -13.35
CA LEU A 325 -6.34 -8.02 -12.02
C LEU A 325 -6.54 -9.52 -11.96
N GLY A 326 -7.39 -10.06 -12.84
CA GLY A 326 -7.64 -11.48 -12.88
C GLY A 326 -6.44 -12.28 -13.35
N ASP A 327 -5.51 -11.60 -14.01
CA ASP A 327 -4.35 -12.25 -14.59
C ASP A 327 -3.13 -12.24 -13.67
N LEU A 328 -3.34 -11.86 -12.42
CA LEU A 328 -2.27 -11.96 -11.42
C LEU A 328 -2.12 -13.41 -10.97
N ARG A 329 -1.47 -13.61 -9.83
CA ARG A 329 -1.21 -14.95 -9.29
C ARG A 329 -0.32 -15.80 -10.21
N ASP A 330 0.12 -15.20 -11.31
CA ASP A 330 1.09 -15.83 -12.20
C ASP A 330 2.45 -15.20 -11.93
N ILE A 331 2.45 -13.88 -11.83
CA ILE A 331 3.64 -13.12 -11.48
C ILE A 331 4.05 -13.45 -10.05
N LEU A 332 3.08 -13.43 -9.14
CA LEU A 332 3.31 -13.71 -7.74
C LEU A 332 3.67 -15.17 -7.50
N LYS A 333 3.34 -16.02 -8.47
CA LYS A 333 3.63 -17.45 -8.39
C LYS A 333 5.13 -17.72 -8.47
N LYS A 334 5.77 -17.16 -9.49
CA LYS A 334 7.19 -17.39 -9.75
C LYS A 334 8.11 -16.78 -8.69
N GLY A 335 9.19 -17.48 -8.37
CA GLY A 335 10.22 -16.94 -7.49
C GLY A 335 10.05 -17.30 -6.03
N ALA A 336 9.07 -18.15 -5.73
CA ALA A 336 8.81 -18.55 -4.35
C ALA A 336 9.92 -19.44 -3.81
N THR A 337 10.67 -20.07 -4.70
CA THR A 337 11.77 -20.95 -4.32
C THR A 337 13.10 -20.52 -4.94
N PHE A 338 14.11 -20.33 -4.09
CA PHE A 338 15.44 -19.95 -4.53
C PHE A 338 16.12 -21.02 -5.38
N ASN A 339 16.77 -20.60 -6.46
CA ASN A 339 17.57 -21.51 -7.27
C ASN A 339 18.82 -20.84 -7.83
N ARG A 340 19.74 -21.65 -8.35
CA ARG A 340 21.06 -21.19 -8.78
C ARG A 340 21.02 -20.11 -9.86
N GLU A 341 20.07 -20.24 -10.79
CA GLU A 341 19.97 -19.31 -11.91
C GLU A 341 19.54 -17.92 -11.48
N THR A 342 18.61 -17.85 -10.52
CA THR A 342 18.18 -16.57 -9.98
C THR A 342 18.63 -16.42 -8.53
N PRO A 343 19.82 -15.84 -8.32
CA PRO A 343 20.44 -15.76 -7.00
C PRO A 343 19.88 -14.65 -6.12
N GLY A 344 19.23 -13.67 -6.73
CA GLY A 344 18.64 -12.58 -5.99
C GLY A 344 19.55 -11.36 -5.86
N VAL A 345 18.95 -10.21 -5.62
CA VAL A 345 19.68 -8.96 -5.49
C VAL A 345 19.39 -8.38 -4.11
N PRO A 346 20.24 -7.45 -3.63
CA PRO A 346 19.92 -6.78 -2.37
C PRO A 346 18.59 -6.02 -2.46
N ILE A 347 17.70 -6.26 -1.51
CA ILE A 347 16.38 -5.63 -1.52
C ILE A 347 16.04 -4.98 -0.18
N ALA A 348 16.81 -5.30 0.84
CA ALA A 348 16.63 -4.72 2.17
C ALA A 348 17.88 -4.93 3.01
N TYR A 349 18.09 -4.06 3.99
CA TYR A 349 19.22 -4.20 4.90
C TYR A 349 19.00 -3.51 6.24
N THR A 350 19.73 -3.95 7.24
CA THR A 350 19.66 -3.36 8.57
C THR A 350 20.98 -2.67 8.90
N THR A 351 20.92 -1.64 9.74
CA THR A 351 22.13 -0.91 10.12
C THR A 351 22.28 -0.84 11.64
N ASN A 352 23.52 -0.93 12.10
CA ASN A 352 23.84 -0.77 13.52
C ASN A 352 24.78 0.39 13.74
N PHE A 353 24.53 1.18 14.78
CA PHE A 353 25.45 2.24 15.17
C PHE A 353 26.77 1.61 15.62
N LEU A 354 27.89 2.20 15.24
CA LEU A 354 29.20 1.65 15.59
C LEU A 354 29.49 1.81 17.08
N LYS A 355 28.83 2.77 17.72
CA LYS A 355 29.12 3.08 19.12
C LYS A 355 28.79 1.94 20.07
N ASP A 356 27.58 1.39 19.96
CA ASP A 356 27.14 0.36 20.89
C ASP A 356 26.52 -0.82 20.17
N ASN A 357 26.76 -0.92 18.87
CA ASN A 357 26.19 -1.99 18.05
C ASN A 357 24.66 -2.05 18.12
N GLU A 358 24.05 -0.92 18.44
CA GLU A 358 22.60 -0.87 18.58
C GLU A 358 21.91 -0.67 17.23
N LEU A 359 20.71 -1.23 17.10
CA LEU A 359 19.98 -1.21 15.84
C LEU A 359 19.47 0.20 15.51
N ALA A 360 19.79 0.66 14.30
CA ALA A 360 19.33 1.97 13.85
C ALA A 360 17.93 1.86 13.25
N VAL A 361 17.00 2.65 13.78
CA VAL A 361 15.61 2.60 13.33
C VAL A 361 15.19 3.92 12.72
N ILE A 362 14.56 3.85 11.54
CA ILE A 362 14.02 5.04 10.89
C ILE A 362 12.64 5.40 11.45
N LYS A 363 12.53 6.60 12.01
CA LYS A 363 11.27 7.06 12.56
C LYS A 363 10.49 7.89 11.54
N ASN A 364 9.35 7.36 11.11
CA ASN A 364 8.53 8.05 10.12
C ASN A 364 7.24 8.62 10.71
N ASN A 365 6.88 9.82 10.27
CA ASN A 365 5.57 10.38 10.57
C ASN A 365 5.08 11.26 9.41
N SER A 366 3.83 11.06 9.01
CA SER A 366 3.27 11.80 7.89
C SER A 366 1.76 11.94 8.01
N GLU A 367 1.26 13.13 7.67
CA GLU A 367 -0.17 13.36 7.63
C GLU A 367 -0.62 13.39 6.18
N TYR A 368 -1.83 12.88 5.93
CA TYR A 368 -2.37 12.86 4.58
C TYR A 368 -3.89 12.95 4.56
N ILE A 369 -4.45 13.33 3.42
CA ILE A 369 -5.89 13.42 3.25
C ILE A 369 -6.40 12.14 2.58
N GLU A 370 -7.23 11.40 3.32
CA GLU A 370 -7.85 10.20 2.75
C GLU A 370 -9.15 10.59 2.05
N THR A 371 -9.23 10.32 0.75
CA THR A 371 -10.42 10.63 -0.02
C THR A 371 -11.24 9.39 -0.30
N THR A 372 -12.49 9.39 0.15
CA THR A 372 -13.40 8.29 -0.12
C THR A 372 -14.63 8.83 -0.87
N SER A 373 -15.14 8.03 -1.80
CA SER A 373 -16.28 8.46 -2.60
C SER A 373 -17.45 7.48 -2.53
N LYS A 374 -18.59 7.91 -3.04
CA LYS A 374 -19.81 7.11 -3.03
C LYS A 374 -20.62 7.46 -4.27
N ALA A 375 -21.02 6.43 -5.02
CA ALA A 375 -21.77 6.64 -6.26
C ALA A 375 -23.22 6.19 -6.12
N TYR A 376 -24.15 7.10 -6.42
CA TYR A 376 -25.57 6.78 -6.37
C TYR A 376 -26.18 6.83 -7.76
N THR A 377 -26.66 5.68 -8.23
CA THR A 377 -27.22 5.58 -9.58
C THR A 377 -28.64 6.17 -9.64
N ASP A 378 -28.95 6.83 -10.76
CA ASP A 378 -30.29 7.37 -10.97
C ASP A 378 -31.31 6.26 -11.07
N GLY A 379 -32.59 6.61 -10.98
CA GLY A 379 -33.65 5.63 -11.05
C GLY A 379 -34.96 6.19 -11.59
N LYS A 380 -35.86 5.30 -12.00
CA LYS A 380 -37.13 5.70 -12.57
C LYS A 380 -38.29 5.07 -11.81
N ILE A 381 -39.39 5.80 -11.69
CA ILE A 381 -40.63 5.23 -11.19
C ILE A 381 -41.63 5.18 -12.35
N ASN A 382 -42.01 3.96 -12.73
CA ASN A 382 -42.89 3.77 -13.88
C ASN A 382 -44.34 3.53 -13.44
N ILE A 383 -45.22 4.44 -13.82
CA ILE A 383 -46.62 4.36 -13.43
C ILE A 383 -47.48 3.79 -14.56
N ASP A 384 -48.31 2.81 -14.23
CA ASP A 384 -49.25 2.25 -15.19
C ASP A 384 -50.64 2.14 -14.59
N HIS A 385 -51.57 2.92 -15.13
CA HIS A 385 -52.96 2.90 -14.68
C HIS A 385 -53.85 2.32 -15.77
N SER A 386 -54.46 1.17 -15.49
CA SER A 386 -55.36 0.53 -16.43
C SER A 386 -56.65 0.08 -15.76
N GLY A 387 -56.96 0.68 -14.62
CA GLY A 387 -58.16 0.32 -13.88
C GLY A 387 -59.39 0.99 -14.43
N GLY A 388 -60.55 0.36 -14.21
CA GLY A 388 -61.82 0.92 -14.66
C GLY A 388 -62.35 1.96 -13.69
N TYR A 389 -61.53 2.97 -13.40
CA TYR A 389 -61.89 4.01 -12.45
C TYR A 389 -61.06 5.28 -12.62
N VAL A 390 -61.46 6.34 -11.92
CA VAL A 390 -60.66 7.55 -11.86
C VAL A 390 -59.62 7.39 -10.74
N ALA A 391 -58.37 7.68 -11.05
CA ALA A 391 -57.30 7.53 -10.06
C ALA A 391 -56.56 8.84 -9.82
N GLN A 392 -56.05 9.00 -8.59
CA GLN A 392 -55.17 10.12 -8.26
C GLN A 392 -53.94 9.61 -7.53
N PHE A 393 -52.77 10.08 -7.96
CA PHE A 393 -51.52 9.65 -7.35
C PHE A 393 -50.93 10.75 -6.47
N ASN A 394 -50.18 10.34 -5.46
CA ASN A 394 -49.37 11.26 -4.69
C ASN A 394 -47.99 10.66 -4.44
N ILE A 395 -47.01 11.12 -5.20
CA ILE A 395 -45.66 10.59 -5.10
C ILE A 395 -44.67 11.69 -4.72
N SER A 396 -43.93 11.45 -3.65
CA SER A 396 -42.97 12.44 -3.13
C SER A 396 -41.65 11.77 -2.76
N TRP A 397 -40.61 12.59 -2.62
CA TRP A 397 -39.29 12.10 -2.23
C TRP A 397 -38.40 13.25 -1.76
N ASP A 398 -37.26 12.91 -1.17
CA ASP A 398 -36.29 13.91 -0.72
C ASP A 398 -35.03 13.85 -1.58
N GLU A 399 -34.46 15.01 -1.87
CA GLU A 399 -33.17 15.07 -2.56
C GLU A 399 -32.13 15.73 -1.67
N VAL A 400 -31.05 15.01 -1.40
CA VAL A 400 -30.03 15.48 -0.46
C VAL A 400 -28.82 16.08 -1.16
N ASN A 401 -28.56 17.35 -0.88
CA ASN A 401 -27.36 18.03 -1.39
C ASN A 401 -26.50 18.57 -0.26
N TYR A 402 -25.44 19.30 -0.61
CA TYR A 402 -24.50 19.78 0.38
C TYR A 402 -24.14 21.25 0.18
N ASP A 403 -24.19 22.02 1.26
CA ASP A 403 -23.77 23.42 1.22
C ASP A 403 -22.25 23.52 1.05
N PRO A 404 -21.73 24.71 0.71
CA PRO A 404 -20.28 24.86 0.52
C PRO A 404 -19.41 24.37 1.68
N GLU A 405 -19.96 24.25 2.88
CA GLU A 405 -19.17 23.81 4.03
C GLU A 405 -19.38 22.33 4.36
N GLY A 406 -20.05 21.61 3.46
CA GLY A 406 -20.16 20.17 3.59
C GLY A 406 -21.41 19.65 4.26
N ASN A 407 -22.22 20.54 4.82
CA ASN A 407 -23.43 20.14 5.53
C ASN A 407 -24.56 19.75 4.58
N GLU A 408 -25.40 18.82 5.02
CA GLU A 408 -26.50 18.33 4.20
C GLU A 408 -27.63 19.35 4.01
N ILE A 409 -28.18 19.38 2.81
CA ILE A 409 -29.38 20.16 2.53
C ILE A 409 -30.43 19.21 1.99
N VAL A 410 -31.53 19.05 2.71
CA VAL A 410 -32.59 18.14 2.30
C VAL A 410 -33.79 18.89 1.72
N GLN A 411 -34.02 18.72 0.41
CA GLN A 411 -35.17 19.32 -0.26
C GLN A 411 -36.26 18.28 -0.48
N HIS A 412 -37.49 18.62 -0.14
CA HIS A 412 -38.61 17.74 -0.40
C HIS A 412 -39.14 17.98 -1.82
N LYS A 413 -39.46 16.90 -2.52
CA LYS A 413 -39.92 17.01 -3.91
C LYS A 413 -41.26 16.32 -4.13
N ASN A 414 -42.10 16.93 -4.96
CA ASN A 414 -43.38 16.35 -5.32
C ASN A 414 -43.51 16.15 -6.82
N TRP A 415 -44.13 15.03 -7.21
CA TRP A 415 -44.42 14.77 -8.61
C TRP A 415 -45.40 15.82 -9.12
N SER A 416 -45.17 16.29 -10.34
CA SER A 416 -45.99 17.34 -10.93
C SER A 416 -47.44 16.88 -11.15
N GLU A 417 -47.64 15.57 -11.28
CA GLU A 417 -48.97 15.03 -11.56
C GLU A 417 -49.73 14.66 -10.29
N ASN A 418 -49.18 15.04 -9.13
CA ASN A 418 -49.83 14.77 -7.86
C ASN A 418 -51.24 15.36 -7.77
N ASN A 419 -52.16 14.60 -7.20
CA ASN A 419 -53.53 15.04 -6.94
C ASN A 419 -54.30 15.43 -8.21
N LYS A 420 -53.94 14.82 -9.33
CA LYS A 420 -54.65 15.04 -10.58
C LYS A 420 -55.39 13.77 -11.01
N SER A 421 -56.67 13.92 -11.35
CA SER A 421 -57.48 12.78 -11.77
C SER A 421 -57.02 12.20 -13.10
N LYS A 422 -56.75 10.89 -13.11
CA LYS A 422 -56.23 10.22 -14.29
C LYS A 422 -57.15 9.09 -14.72
N LEU A 423 -57.41 9.01 -16.02
CA LEU A 423 -58.19 7.91 -16.57
C LEU A 423 -57.29 6.90 -17.27
N ALA A 424 -57.70 5.64 -17.29
CA ALA A 424 -56.98 4.62 -18.05
C ALA A 424 -57.18 4.92 -19.53
N HIS A 425 -56.17 4.64 -20.36
CA HIS A 425 -54.91 4.03 -19.94
C HIS A 425 -53.86 5.10 -19.71
N PHE A 426 -53.33 5.18 -18.48
CA PHE A 426 -52.36 6.21 -18.14
C PHE A 426 -50.98 5.63 -17.86
N THR A 427 -49.97 6.20 -18.51
CA THR A 427 -48.59 5.79 -18.31
C THR A 427 -47.69 7.03 -18.20
N SER A 428 -46.71 6.95 -17.30
CA SER A 428 -45.75 8.04 -17.11
C SER A 428 -44.54 7.54 -16.32
N SER A 429 -43.41 8.20 -16.49
CA SER A 429 -42.19 7.82 -15.77
C SER A 429 -41.62 9.00 -15.01
N ILE A 430 -41.36 8.80 -13.72
CA ILE A 430 -40.73 9.83 -12.90
C ILE A 430 -39.22 9.59 -12.86
N TYR A 431 -38.44 10.59 -13.23
CA TYR A 431 -36.99 10.46 -13.28
C TYR A 431 -36.35 10.96 -12.00
N LEU A 432 -35.83 10.02 -11.20
CA LEU A 432 -35.22 10.35 -9.93
C LEU A 432 -33.70 10.42 -10.03
N PRO A 433 -33.11 11.52 -9.54
CA PRO A 433 -31.64 11.66 -9.49
C PRO A 433 -31.05 10.74 -8.44
N GLY A 434 -29.72 10.57 -8.47
CA GLY A 434 -29.06 9.65 -7.57
C GLY A 434 -29.19 10.01 -6.10
N ASN A 435 -29.26 11.30 -5.82
CA ASN A 435 -29.33 11.77 -4.43
C ASN A 435 -30.74 11.76 -3.86
N ALA A 436 -31.62 10.97 -4.47
CA ALA A 436 -33.00 10.89 -4.00
C ALA A 436 -33.20 9.70 -3.06
N ARG A 437 -33.87 9.95 -1.94
CA ARG A 437 -34.20 8.89 -0.99
C ARG A 437 -35.57 9.09 -0.36
N ASN A 438 -36.02 8.09 0.40
CA ASN A 438 -37.33 8.12 1.06
C ASN A 438 -38.47 8.37 0.07
N ILE A 439 -38.61 7.45 -0.89
CA ILE A 439 -39.65 7.56 -1.90
C ILE A 439 -40.99 7.13 -1.33
N ASN A 440 -41.99 8.01 -1.48
CA ASN A 440 -43.35 7.70 -1.04
C ASN A 440 -44.30 7.55 -2.23
N VAL A 441 -44.99 6.42 -2.28
CA VAL A 441 -45.92 6.16 -3.37
C VAL A 441 -47.34 5.94 -2.85
N TYR A 442 -48.25 6.84 -3.23
CA TYR A 442 -49.64 6.77 -2.81
C TYR A 442 -50.58 6.81 -4.02
N ALA A 443 -51.65 6.03 -3.97
CA ALA A 443 -52.64 6.04 -5.04
C ALA A 443 -54.03 5.73 -4.49
N LYS A 444 -55.02 6.48 -4.96
CA LYS A 444 -56.41 6.25 -4.58
C LYS A 444 -57.32 6.24 -5.80
N GLU A 445 -58.49 5.62 -5.66
CA GLU A 445 -59.42 5.53 -6.78
C GLU A 445 -60.83 5.93 -6.35
N CYS A 446 -61.54 6.62 -7.25
CA CYS A 446 -62.90 7.06 -6.96
C CYS A 446 -63.92 5.94 -7.12
N THR A 447 -64.53 5.52 -6.01
CA THR A 447 -65.51 4.44 -6.03
C THR A 447 -66.90 4.95 -6.38
N GLY A 448 -67.19 6.20 -6.01
CA GLY A 448 -68.47 6.80 -6.29
C GLY A 448 -69.50 6.55 -5.20
N LEU A 449 -69.10 5.81 -4.16
CA LEU A 449 -70.00 5.52 -3.05
C LEU A 449 -70.03 6.69 -2.05
N ALA A 450 -71.20 6.95 -1.48
CA ALA A 450 -71.38 8.09 -0.58
C ALA A 450 -70.59 7.94 0.72
N TRP A 451 -70.49 6.71 1.21
CA TRP A 451 -69.80 6.43 2.46
C TRP A 451 -68.30 6.19 2.28
N GLU A 452 -67.87 6.11 1.02
CA GLU A 452 -66.46 5.89 0.70
C GLU A 452 -66.17 6.38 -0.72
N TRP A 453 -66.06 7.68 -0.90
CA TRP A 453 -65.88 8.26 -2.23
C TRP A 453 -64.53 7.89 -2.83
N TRP A 454 -63.47 8.09 -2.06
CA TRP A 454 -62.14 7.68 -2.47
C TRP A 454 -61.69 6.45 -1.68
N ARG A 455 -61.06 5.51 -2.37
CA ARG A 455 -60.50 4.33 -1.70
C ARG A 455 -59.01 4.24 -1.95
N THR A 456 -58.22 4.11 -0.88
CA THR A 456 -56.78 3.98 -1.00
C THR A 456 -56.41 2.65 -1.65
N VAL A 457 -55.57 2.70 -2.68
CA VAL A 457 -55.09 1.49 -3.33
C VAL A 457 -53.67 1.17 -2.89
N ILE A 458 -52.82 2.19 -2.84
CA ILE A 458 -51.43 2.04 -2.42
C ILE A 458 -51.01 3.14 -1.44
N ASP A 459 -50.28 2.75 -0.41
CA ASP A 459 -49.70 3.71 0.52
C ASP A 459 -48.36 3.20 1.04
N ASP A 460 -47.35 3.20 0.17
CA ASP A 460 -46.02 2.73 0.53
C ASP A 460 -45.08 3.90 0.78
N ARG A 461 -44.38 3.87 1.92
CA ARG A 461 -43.56 5.01 2.34
C ARG A 461 -42.10 4.62 2.58
N ASN A 462 -41.22 5.61 2.45
CA ASN A 462 -39.80 5.43 2.73
C ASN A 462 -39.16 4.32 1.90
N LEU A 463 -39.47 4.30 0.61
CA LEU A 463 -38.95 3.28 -0.30
C LEU A 463 -37.55 3.66 -0.79
N PRO A 464 -36.69 2.66 -0.98
CA PRO A 464 -35.33 2.92 -1.48
C PRO A 464 -35.34 3.29 -2.95
N LEU A 465 -34.30 4.00 -3.39
CA LEU A 465 -34.17 4.35 -4.80
C LEU A 465 -33.61 3.16 -5.59
N VAL A 466 -34.40 2.66 -6.53
CA VAL A 466 -33.96 1.57 -7.40
C VAL A 466 -33.87 2.02 -8.85
N LYS A 467 -33.37 1.15 -9.72
CA LYS A 467 -33.22 1.49 -11.13
C LYS A 467 -34.58 1.68 -11.80
N ASN A 468 -35.47 0.70 -11.62
CA ASN A 468 -36.82 0.79 -12.14
C ASN A 468 -37.85 0.26 -11.15
N ARG A 469 -38.60 1.18 -10.55
CA ARG A 469 -39.72 0.80 -9.70
C ARG A 469 -41.02 0.92 -10.49
N ASN A 470 -41.66 -0.21 -10.76
CA ASN A 470 -42.87 -0.23 -11.57
C ASN A 470 -44.14 -0.27 -10.73
N ILE A 471 -44.85 0.85 -10.69
CA ILE A 471 -46.11 0.94 -9.96
C ILE A 471 -47.27 0.78 -10.93
N SER A 472 -48.05 -0.28 -10.74
CA SER A 472 -49.19 -0.54 -11.61
C SER A 472 -50.48 -0.68 -10.81
N ILE A 473 -51.56 -0.12 -11.34
CA ILE A 473 -52.87 -0.31 -10.74
C ILE A 473 -53.88 -0.73 -11.81
N TRP A 474 -54.79 -1.62 -11.42
CA TRP A 474 -55.83 -2.08 -12.33
C TRP A 474 -57.05 -2.56 -11.56
N GLY A 475 -57.89 -3.36 -12.19
CA GLY A 475 -59.10 -3.85 -11.54
C GLY A 475 -60.27 -2.90 -11.72
N THR A 476 -61.23 -3.01 -10.81
CA THR A 476 -62.46 -2.22 -10.90
C THR A 476 -62.63 -1.34 -9.66
N THR A 477 -63.72 -0.57 -9.63
CA THR A 477 -63.99 0.32 -8.52
C THR A 477 -64.22 -0.43 -7.22
N LEU A 478 -64.84 -1.61 -7.32
CA LEU A 478 -65.08 -2.44 -6.15
C LEU A 478 -63.86 -3.30 -5.83
N TYR A 479 -63.12 -3.67 -6.86
CA TYR A 479 -61.94 -4.53 -6.67
C TYR A 479 -60.70 -3.99 -7.37
N PRO A 480 -60.10 -2.93 -6.79
CA PRO A 480 -58.86 -2.40 -7.37
C PRO A 480 -57.67 -3.30 -7.01
N LYS A 481 -56.77 -3.49 -7.96
CA LYS A 481 -55.54 -4.23 -7.70
C LYS A 481 -54.33 -3.37 -7.98
N TYR A 482 -53.19 -3.76 -7.42
CA TYR A 482 -51.95 -3.03 -7.63
C TYR A 482 -50.73 -3.93 -7.51
N SER A 483 -49.62 -3.46 -8.07
CA SER A 483 -48.33 -4.12 -7.88
C SER A 483 -47.22 -3.09 -7.76
N ASN A 484 -46.32 -3.32 -6.81
CA ASN A 484 -45.13 -2.48 -6.65
C ASN A 484 -43.89 -3.35 -6.78
N LYS A 485 -43.37 -3.45 -8.00
CA LYS A 485 -42.26 -4.35 -8.28
C LYS A 485 -41.00 -3.62 -8.72
N VAL A 486 -39.85 -4.20 -8.38
CA VAL A 486 -38.56 -3.56 -8.66
C VAL A 486 -37.79 -4.24 -9.79
N ASP A 487 -37.15 -3.41 -10.61
CA ASP A 487 -36.16 -3.85 -11.60
C ASP A 487 -36.66 -4.72 -12.76
N ASN A 488 -37.87 -5.27 -12.65
CA ASN A 488 -38.38 -6.15 -13.69
C ASN A 488 -38.63 -5.43 -15.02
#